data_1WUG
#
_entry.id   1WUG
#
loop_
_entity.id
_entity.type
_entity.pdbx_description
1 polymer 'Histone acetyltransferase PCAF'
2 non-polymer N-(3-AMINOPROPYL)-4-METHYL-2-NITROBENZENAMINE
#
_entity_poly.entity_id   1
_entity_poly.type   'polypeptide(L)'
_entity_poly.pdbx_seq_one_letter_code
;GSHMSKEPRDPDQLYSTLKSILQQVKSHQSAWPFMEPVKRTEAPGYYEVIRFPMDLKTMSERLKNRYYVSKKLFMADLQR
VFTNCKEYNPPESEYYKCANILEKFFFSKIKEAGLIDK
;
_entity_poly.pdbx_strand_id   A
#
loop_
_chem_comp.id
_chem_comp.type
_chem_comp.name
_chem_comp.formula
NP1 non-polymer N-(3-AMINOPROPYL)-4-METHYL-2-NITROBENZENAMINE 'C10 H15 N3 O2'
#
# COMPACT_ATOMS: atom_id res chain seq x y z
N GLY A 1 22.02 0.10 15.40
CA GLY A 1 22.09 1.55 15.73
C GLY A 1 21.69 1.74 17.20
N SER A 2 21.53 2.97 17.62
CA SER A 2 21.13 3.22 19.03
C SER A 2 19.90 4.13 19.09
N HIS A 3 18.78 3.60 19.51
CA HIS A 3 17.54 4.42 19.58
C HIS A 3 17.19 5.01 18.21
N MET A 4 15.97 5.39 18.02
CA MET A 4 15.57 5.97 16.70
C MET A 4 16.00 5.06 15.54
N SER A 5 15.93 3.77 15.74
CA SER A 5 16.35 2.83 14.66
C SER A 5 15.25 2.73 13.59
N LYS A 6 14.02 2.62 14.00
CA LYS A 6 12.90 2.52 13.01
C LYS A 6 12.91 3.74 12.08
N GLU A 7 13.64 3.68 11.01
CA GLU A 7 13.67 4.85 10.07
C GLU A 7 14.52 4.50 8.84
N PRO A 8 13.96 4.72 7.66
CA PRO A 8 14.70 4.45 6.41
C PRO A 8 15.79 5.50 6.21
N ARG A 9 15.48 6.74 6.46
CA ARG A 9 16.50 7.83 6.31
C ARG A 9 17.12 7.83 4.91
N ASP A 10 18.14 7.06 4.70
CA ASP A 10 18.79 7.04 3.36
C ASP A 10 17.76 6.79 2.25
N PRO A 11 17.68 7.70 1.31
CA PRO A 11 16.71 7.54 0.19
C PRO A 11 17.13 6.37 -0.71
N ASP A 12 18.31 5.84 -0.53
CA ASP A 12 18.75 4.68 -1.37
C ASP A 12 18.31 3.39 -0.69
N GLN A 13 18.33 3.39 0.61
CA GLN A 13 17.89 2.18 1.36
C GLN A 13 16.37 2.03 1.24
N LEU A 14 15.67 3.12 1.36
CA LEU A 14 14.18 3.07 1.25
C LEU A 14 13.76 2.62 -0.14
N TYR A 15 14.49 2.98 -1.15
CA TYR A 15 14.12 2.55 -2.54
C TYR A 15 13.88 1.04 -2.57
N SER A 16 14.74 0.28 -1.96
CA SER A 16 14.55 -1.20 -1.94
C SER A 16 13.64 -1.59 -0.78
N THR A 17 13.82 -0.99 0.36
CA THR A 17 12.93 -1.31 1.52
C THR A 17 11.47 -1.18 1.08
N LEU A 18 11.18 -0.20 0.27
CA LEU A 18 9.79 -0.07 -0.26
C LEU A 18 9.56 -1.14 -1.32
N LYS A 19 10.53 -1.31 -2.19
CA LYS A 19 10.38 -2.35 -3.25
C LYS A 19 10.03 -3.71 -2.63
N SER A 20 10.83 -4.18 -1.72
CA SER A 20 10.56 -5.51 -1.09
C SER A 20 9.10 -5.56 -0.59
N ILE A 21 8.67 -4.55 0.10
CA ILE A 21 7.27 -4.56 0.61
C ILE A 21 6.28 -4.69 -0.54
N LEU A 22 6.29 -3.76 -1.45
CA LEU A 22 5.34 -3.83 -2.61
C LEU A 22 5.48 -5.18 -3.29
N GLN A 23 6.67 -5.71 -3.35
CA GLN A 23 6.86 -7.04 -4.01
C GLN A 23 6.21 -8.14 -3.18
N GLN A 24 6.37 -8.10 -1.88
CA GLN A 24 5.75 -9.15 -1.02
C GLN A 24 4.22 -8.97 -1.00
N VAL A 25 3.75 -7.76 -0.79
CA VAL A 25 2.28 -7.52 -0.78
C VAL A 25 1.67 -8.10 -2.06
N LYS A 26 2.27 -7.83 -3.19
CA LYS A 26 1.73 -8.38 -4.46
C LYS A 26 1.66 -9.90 -4.38
N SER A 27 2.74 -10.52 -3.99
CA SER A 27 2.75 -12.00 -3.90
C SER A 27 1.82 -12.45 -2.77
N HIS A 28 1.60 -11.61 -1.79
CA HIS A 28 0.71 -12.00 -0.66
C HIS A 28 -0.63 -12.51 -1.19
N GLN A 29 -1.47 -13.02 -0.32
CA GLN A 29 -2.78 -13.56 -0.77
C GLN A 29 -3.86 -12.48 -0.81
N SER A 30 -3.64 -11.38 -0.14
CA SER A 30 -4.68 -10.30 -0.12
C SER A 30 -4.27 -9.16 -1.04
N ALA A 31 -3.64 -9.44 -2.14
CA ALA A 31 -3.22 -8.36 -3.06
C ALA A 31 -3.89 -8.50 -4.44
N TRP A 32 -4.56 -9.60 -4.69
CA TRP A 32 -5.21 -9.78 -6.02
C TRP A 32 -6.31 -8.73 -6.31
N PRO A 33 -6.95 -8.16 -5.30
CA PRO A 33 -7.99 -7.15 -5.57
C PRO A 33 -7.38 -5.78 -5.82
N PHE A 34 -6.09 -5.63 -5.63
CA PHE A 34 -5.47 -4.31 -5.84
C PHE A 34 -4.52 -4.31 -7.05
N MET A 35 -4.18 -5.47 -7.55
CA MET A 35 -3.25 -5.51 -8.73
C MET A 35 -3.83 -4.67 -9.87
N GLU A 36 -4.94 -5.09 -10.40
CA GLU A 36 -5.55 -4.32 -11.52
C GLU A 36 -6.50 -3.25 -10.96
N PRO A 37 -6.34 -2.03 -11.44
CA PRO A 37 -7.20 -0.93 -10.94
C PRO A 37 -8.66 -1.18 -11.33
N VAL A 38 -9.55 -1.16 -10.37
CA VAL A 38 -10.99 -1.39 -10.69
C VAL A 38 -11.44 -0.46 -11.82
N LYS A 39 -12.44 -0.86 -12.56
CA LYS A 39 -12.92 0.00 -13.67
C LYS A 39 -13.63 1.24 -13.12
N ARG A 40 -14.02 2.14 -13.98
CA ARG A 40 -14.70 3.38 -13.49
C ARG A 40 -16.15 3.09 -13.11
N THR A 41 -16.79 2.17 -13.78
CA THR A 41 -18.20 1.86 -13.45
C THR A 41 -18.32 0.48 -12.80
N GLU A 42 -17.35 -0.36 -13.01
CA GLU A 42 -17.41 -1.73 -12.39
C GLU A 42 -17.67 -1.63 -10.89
N ALA A 43 -17.36 -0.50 -10.30
CA ALA A 43 -17.57 -0.35 -8.83
C ALA A 43 -18.90 0.38 -8.54
N PRO A 44 -19.38 0.22 -7.34
CA PRO A 44 -20.66 0.88 -6.94
C PRO A 44 -20.49 2.40 -6.90
N GLY A 45 -19.27 2.87 -6.78
CA GLY A 45 -19.05 4.34 -6.73
C GLY A 45 -17.57 4.60 -6.43
N TYR A 46 -16.71 4.42 -7.39
CA TYR A 46 -15.26 4.66 -7.16
C TYR A 46 -14.89 6.10 -7.53
N TYR A 47 -15.68 6.74 -8.34
CA TYR A 47 -15.36 8.14 -8.74
C TYR A 47 -15.86 9.14 -7.70
N GLU A 48 -16.28 8.68 -6.55
CA GLU A 48 -16.76 9.62 -5.50
C GLU A 48 -16.27 9.17 -4.13
N VAL A 49 -16.65 7.99 -3.71
CA VAL A 49 -16.19 7.47 -2.40
C VAL A 49 -14.65 7.45 -2.35
N ILE A 50 -14.02 7.44 -3.49
CA ILE A 50 -12.53 7.41 -3.51
C ILE A 50 -11.99 8.56 -4.36
N ARG A 51 -11.53 9.61 -3.72
CA ARG A 51 -11.00 10.77 -4.48
C ARG A 51 -9.58 10.49 -4.97
N PHE A 52 -8.92 9.51 -4.41
CA PHE A 52 -7.53 9.20 -4.85
C PHE A 52 -7.39 7.70 -5.15
N PRO A 53 -7.90 7.30 -6.29
CA PRO A 53 -7.82 5.87 -6.69
C PRO A 53 -6.37 5.42 -6.78
N MET A 54 -5.88 4.73 -5.79
CA MET A 54 -4.47 4.26 -5.82
C MET A 54 -4.41 2.74 -5.57
N ASP A 55 -3.74 2.02 -6.42
CA ASP A 55 -3.64 0.54 -6.22
C ASP A 55 -2.18 0.10 -6.39
N LEU A 56 -1.95 -1.17 -6.52
CA LEU A 56 -0.55 -1.66 -6.70
C LEU A 56 -0.09 -1.48 -8.14
N LYS A 57 -0.99 -1.19 -9.04
CA LYS A 57 -0.60 -1.00 -10.47
C LYS A 57 0.27 0.25 -10.64
N THR A 58 0.31 1.11 -9.67
CA THR A 58 1.13 2.35 -9.81
C THR A 58 2.29 2.35 -8.82
N MET A 59 2.13 1.71 -7.69
CA MET A 59 3.22 1.69 -6.68
C MET A 59 4.54 1.23 -7.30
N SER A 60 4.68 -0.05 -7.55
CA SER A 60 5.95 -0.55 -8.13
C SER A 60 6.33 0.25 -9.39
N GLU A 61 5.40 0.48 -10.28
CA GLU A 61 5.71 1.25 -11.51
C GLU A 61 6.40 2.57 -11.14
N ARG A 62 5.88 3.26 -10.17
CA ARG A 62 6.52 4.54 -9.74
C ARG A 62 7.85 4.25 -9.04
N LEU A 63 7.89 3.21 -8.25
CA LEU A 63 9.16 2.86 -7.54
C LEU A 63 10.24 2.51 -8.57
N LYS A 64 9.86 1.91 -9.67
CA LYS A 64 10.86 1.60 -10.73
C LYS A 64 11.71 2.84 -11.02
N ASN A 65 11.09 3.98 -11.05
CA ASN A 65 11.85 5.24 -11.26
C ASN A 65 11.96 6.00 -9.95
N ARG A 66 12.33 5.31 -8.89
CA ARG A 66 12.45 5.94 -7.53
C ARG A 66 11.44 7.08 -7.31
N TYR A 67 10.27 6.95 -7.87
CA TYR A 67 9.24 8.01 -7.67
C TYR A 67 8.74 8.00 -6.23
N TYR A 68 8.91 6.91 -5.53
CA TYR A 68 8.46 6.84 -4.12
C TYR A 68 9.67 6.66 -3.21
N VAL A 69 10.07 7.70 -2.53
CA VAL A 69 11.26 7.60 -1.66
C VAL A 69 11.05 8.39 -0.37
N SER A 70 9.98 8.13 0.33
CA SER A 70 9.72 8.86 1.60
C SER A 70 8.85 8.00 2.52
N LYS A 71 8.88 8.27 3.80
CA LYS A 71 8.07 7.46 4.76
C LYS A 71 6.57 7.68 4.50
N LYS A 72 6.04 8.77 4.98
CA LYS A 72 4.59 9.04 4.78
C LYS A 72 4.20 8.91 3.30
N LEU A 73 5.14 9.08 2.41
CA LEU A 73 4.80 8.99 0.97
C LEU A 73 4.35 7.58 0.60
N PHE A 74 5.24 6.62 0.66
CA PHE A 74 4.85 5.23 0.31
C PHE A 74 3.79 4.72 1.28
N MET A 75 3.98 4.93 2.56
CA MET A 75 2.96 4.48 3.55
C MET A 75 1.57 4.96 3.14
N ALA A 76 1.38 6.25 3.01
CA ALA A 76 0.05 6.78 2.59
C ALA A 76 -0.45 6.03 1.36
N ASP A 77 0.36 5.90 0.34
CA ASP A 77 -0.09 5.17 -0.88
C ASP A 77 -0.68 3.81 -0.52
N LEU A 78 0.13 2.87 -0.11
CA LEU A 78 -0.40 1.52 0.26
C LEU A 78 -1.55 1.68 1.26
N GLN A 79 -1.34 2.45 2.30
CA GLN A 79 -2.43 2.67 3.29
C GLN A 79 -3.67 3.20 2.57
N ARG A 80 -3.47 3.88 1.47
CA ARG A 80 -4.64 4.39 0.70
C ARG A 80 -5.34 3.22 0.01
N VAL A 81 -4.58 2.24 -0.41
CA VAL A 81 -5.19 1.06 -1.09
C VAL A 81 -6.09 0.30 -0.12
N PHE A 82 -5.64 0.05 1.07
CA PHE A 82 -6.49 -0.69 2.04
C PHE A 82 -7.71 0.15 2.45
N THR A 83 -7.49 1.36 2.88
CA THR A 83 -8.64 2.22 3.28
C THR A 83 -9.57 2.44 2.07
N ASN A 84 -9.01 2.67 0.92
CA ASN A 84 -9.85 2.86 -0.29
C ASN A 84 -10.73 1.63 -0.51
N CYS A 85 -10.14 0.47 -0.52
CA CYS A 85 -10.92 -0.78 -0.69
C CYS A 85 -12.04 -0.84 0.34
N LYS A 86 -11.70 -0.65 1.59
CA LYS A 86 -12.75 -0.66 2.65
C LYS A 86 -13.71 0.51 2.47
N GLU A 87 -13.29 1.53 1.76
CA GLU A 87 -14.18 2.71 1.55
C GLU A 87 -15.36 2.34 0.66
N TYR A 88 -15.10 1.90 -0.55
CA TYR A 88 -16.22 1.54 -1.46
C TYR A 88 -16.82 0.18 -1.06
N ASN A 89 -15.97 -0.77 -0.77
CA ASN A 89 -16.48 -2.13 -0.40
C ASN A 89 -17.17 -2.11 0.97
N PRO A 90 -18.47 -2.28 0.96
CA PRO A 90 -19.22 -2.33 2.24
C PRO A 90 -18.74 -3.51 3.09
N PRO A 91 -19.08 -3.49 4.36
CA PRO A 91 -18.64 -4.57 5.28
C PRO A 91 -19.32 -5.89 4.90
N GLU A 92 -19.05 -6.42 3.74
CA GLU A 92 -19.68 -7.71 3.34
C GLU A 92 -19.14 -8.18 1.99
N SER A 93 -17.85 -8.07 1.77
CA SER A 93 -17.27 -8.52 0.48
C SER A 93 -15.84 -9.00 0.67
N GLU A 94 -15.29 -9.66 -0.32
CA GLU A 94 -13.89 -10.15 -0.21
C GLU A 94 -12.91 -8.97 -0.20
N TYR A 95 -13.23 -7.92 -0.90
CA TYR A 95 -12.31 -6.75 -0.96
C TYR A 95 -11.97 -6.28 0.46
N TYR A 96 -12.95 -6.14 1.31
CA TYR A 96 -12.66 -5.70 2.70
C TYR A 96 -11.81 -6.76 3.39
N LYS A 97 -12.22 -8.00 3.31
CA LYS A 97 -11.44 -9.10 3.94
C LYS A 97 -9.94 -8.97 3.61
N CYS A 98 -9.57 -9.25 2.38
CA CYS A 98 -8.13 -9.15 2.00
C CYS A 98 -7.55 -7.79 2.40
N ALA A 99 -8.32 -6.73 2.29
CA ALA A 99 -7.80 -5.39 2.68
C ALA A 99 -7.31 -5.44 4.14
N ASN A 100 -8.06 -6.06 5.00
CA ASN A 100 -7.64 -6.16 6.42
C ASN A 100 -6.44 -7.10 6.54
N ILE A 101 -6.42 -8.15 5.76
CA ILE A 101 -5.29 -9.11 5.81
C ILE A 101 -4.00 -8.44 5.32
N LEU A 102 -3.99 -7.99 4.09
CA LEU A 102 -2.77 -7.33 3.56
C LEU A 102 -2.35 -6.19 4.49
N GLU A 103 -3.27 -5.34 4.86
CA GLU A 103 -2.93 -4.22 5.77
C GLU A 103 -2.22 -4.74 7.02
N LYS A 104 -2.66 -5.87 7.52
CA LYS A 104 -1.98 -6.46 8.70
C LYS A 104 -0.53 -6.80 8.35
N PHE A 105 -0.34 -7.62 7.34
CA PHE A 105 1.05 -7.96 6.93
C PHE A 105 1.84 -6.68 6.66
N PHE A 106 1.33 -5.84 5.80
CA PHE A 106 2.04 -4.56 5.48
C PHE A 106 2.51 -3.86 6.75
N PHE A 107 1.60 -3.52 7.63
CA PHE A 107 2.00 -2.83 8.90
C PHE A 107 3.16 -3.57 9.57
N SER A 108 2.99 -4.83 9.86
CA SER A 108 4.08 -5.59 10.51
C SER A 108 5.36 -5.49 9.66
N LYS A 109 5.21 -5.51 8.37
CA LYS A 109 6.41 -5.40 7.50
C LYS A 109 7.06 -4.02 7.65
N ILE A 110 6.29 -2.98 7.46
CA ILE A 110 6.87 -1.60 7.61
C ILE A 110 7.40 -1.41 9.03
N LYS A 111 6.67 -1.85 10.02
CA LYS A 111 7.17 -1.75 11.42
C LYS A 111 8.55 -2.38 11.53
N GLU A 112 8.76 -3.47 10.83
CA GLU A 112 10.09 -4.14 10.88
C GLU A 112 11.13 -3.33 10.09
N ALA A 113 10.83 -3.02 8.86
CA ALA A 113 11.80 -2.24 8.04
C ALA A 113 12.12 -0.90 8.71
N GLY A 114 11.29 -0.46 9.60
CA GLY A 114 11.54 0.84 10.28
C GLY A 114 10.87 1.97 9.49
N LEU A 115 9.69 1.73 8.99
CA LEU A 115 9.00 2.78 8.19
C LEU A 115 7.85 3.37 9.01
N ILE A 116 6.61 3.31 8.55
CA ILE A 116 5.48 3.88 9.33
C ILE A 116 5.76 5.34 9.69
N ASP A 117 5.18 6.26 8.97
CA ASP A 117 5.39 7.70 9.28
C ASP A 117 4.63 8.07 10.56
N LYS A 118 3.64 7.29 10.93
CA LYS A 118 2.88 7.61 12.17
C LYS A 118 3.82 7.81 13.35
NZ NP1 B . -9.56 -6.30 -11.91
CA NP1 B . -9.61 -5.08 -11.05
CB NP1 B . -10.99 -5.11 -10.37
CG NP1 B . -11.16 -6.44 -9.61
NE NP1 B . -12.63 -6.70 -9.61
CD NP1 B . -13.47 -5.83 -9.04
CE1 NP1 B . -13.92 -4.72 -9.78
CE2 NP1 B . -13.95 -6.05 -7.73
NO2 NP1 B . -13.55 -7.10 -7.01
OC1 NP1 B . -12.63 -8.03 -7.57
OC2 NP1 B . -14.04 -7.29 -5.70
CR1 NP1 B . -14.83 -3.80 -9.19
CR2 NP1 B . -14.86 -5.14 -7.15
CZ NP1 B . -15.30 -4.02 -7.88
CM NP1 B . -16.28 -3.05 -7.26
HNZ1 NP1 B . -9.16 -7.09 -11.38
HNZ2 NP1 B . -10.53 -6.54 -12.23
HA1 NP1 B . -8.83 -5.12 -10.31
HA2 NP1 B . -9.52 -4.19 -11.65
HB1 NP1 B . -11.76 -5.03 -11.13
HB2 NP1 B . -11.07 -4.28 -9.69
HG1 NP1 B . -10.77 -6.34 -8.60
HG2 NP1 B . -10.63 -7.23 -10.13
HNE NP1 B . -12.98 -7.45 -10.13
HE1 NP1 B . -13.57 -4.54 -10.78
HR1 NP1 B . -15.18 -2.94 -9.76
HR2 NP1 B . -15.22 -5.30 -6.14
HM1 NP1 B . -16.41 -3.30 -6.23
HM2 NP1 B . -17.23 -3.13 -7.78
HM3 NP1 B . -15.90 -2.04 -7.35
#